data_4IWV
#
_entry.id   4IWV
#
_cell.length_a   77.938
_cell.length_b   77.938
_cell.length_c   85.350
_cell.angle_alpha   90.00
_cell.angle_beta   90.00
_cell.angle_gamma   90.00
#
_symmetry.space_group_name_H-M   'P 41'
#
loop_
_entity.id
_entity.type
_entity.pdbx_description
1 polymer 'Glucokinase isoform 3'
2 non-polymer 'SODIUM ION'
3 non-polymer alpha-D-glucopyranose
4 non-polymer (2S)-2-{[1-(2-chlorophenyl)-1H-pyrazolo[3,4-d]pyrimidin-4-yl]oxy}-N-(5-chloropyridin-2-yl)-3-(2-hydroxyethoxy)propanamide
5 water water
#
_entity_poly.entity_id   1
_entity_poly.type   'polypeptide(L)'
_entity_poly.pdbx_seq_one_letter_code
;GSSNSQVEQILAEFQLQAADLKKVMRRMQKEMDRGLRLETHAAASVKMLPTYVRSTPEGSEVGDFLSLDLGGTNFRVMLV
KVGEGEEGQWSVKTKHQMYSIPEDAMTGTAEMLFDYISECISDFLDKHQMKHKKLPLGFTFSFPVRHEDIDKGILLNWTK
GFKASGAEGNNVVGLLRDAIKRRGDFEMDVVAMVNDTVATMISCYYEDHQCEVGMIVGTGCNACYMEEMQNVELVEGDEG
RMCVNTEWGAFGDSGELDEFLLEYDRLVDESSANPGQQLYEKLIGGKYMGELVRLVLLRLVDENLLFHGEASEQLRTRGA
FETRFVSQVESDTGDRKQIYNILSTLGLRPSTTDCDIVRRACESVSTRAAHMCSAGLAGVINRMRESRSEDVMRITVGVD
GSVYKLHPSFKERFHASVRRLTPSCEITFIESEEGSGRGAALVSAVACKKACMLGQ
;
_entity_poly.pdbx_strand_id   A
#
# COMPACT_ATOMS: atom_id res chain seq x y z
N SER A 2 29.78 -11.96 -24.91
CA SER A 2 28.56 -11.92 -25.74
C SER A 2 27.68 -10.73 -25.31
N SER A 3 26.87 -10.26 -26.25
CA SER A 3 26.12 -9.04 -26.03
C SER A 3 24.95 -9.25 -25.02
N ASN A 4 24.17 -10.29 -25.33
CA ASN A 4 22.96 -10.63 -24.61
C ASN A 4 23.23 -11.23 -23.24
N SER A 5 24.27 -12.07 -23.15
CA SER A 5 24.59 -12.74 -21.90
C SER A 5 25.12 -11.78 -20.81
N GLN A 6 25.87 -10.75 -21.21
CA GLN A 6 26.41 -9.77 -20.25
C GLN A 6 25.32 -8.90 -19.61
N VAL A 7 24.30 -8.62 -20.40
CA VAL A 7 23.04 -8.03 -19.96
C VAL A 7 22.27 -8.94 -18.99
N GLU A 8 22.16 -10.25 -19.30
CA GLU A 8 21.47 -11.18 -18.41
C GLU A 8 22.19 -11.26 -17.08
N GLN A 9 23.54 -11.23 -17.11
CA GLN A 9 24.39 -11.27 -15.90
C GLN A 9 24.02 -10.13 -14.94
N ILE A 10 23.81 -8.95 -15.50
CA ILE A 10 23.46 -7.78 -14.71
C ILE A 10 22.02 -7.90 -14.19
N LEU A 11 21.15 -8.38 -15.07
CA LEU A 11 19.75 -8.52 -14.74
C LEU A 11 19.53 -9.63 -13.73
N ALA A 12 20.45 -10.61 -13.75
CA ALA A 12 20.35 -11.83 -12.95
C ALA A 12 20.45 -11.58 -11.49
N GLU A 13 21.05 -10.45 -11.12
CA GLU A 13 21.18 -10.06 -9.72
C GLU A 13 19.84 -9.82 -9.07
N PHE A 14 18.78 -9.65 -9.85
CA PHE A 14 17.45 -9.37 -9.30
C PHE A 14 16.78 -10.66 -8.89
N GLN A 15 17.39 -11.79 -9.24
CA GLN A 15 16.77 -13.08 -8.91
C GLN A 15 16.77 -13.37 -7.41
N LEU A 16 15.72 -14.05 -6.96
CA LEU A 16 15.63 -14.54 -5.61
C LEU A 16 15.24 -15.99 -5.69
N GLN A 17 16.08 -16.81 -5.08
CA GLN A 17 15.86 -18.23 -5.00
C GLN A 17 14.75 -18.54 -3.97
N ALA A 18 14.16 -19.72 -4.10
CA ALA A 18 13.24 -20.23 -3.12
C ALA A 18 13.79 -19.99 -1.74
N ALA A 19 15.07 -20.30 -1.53
CA ALA A 19 15.67 -20.18 -0.21
C ALA A 19 15.75 -18.76 0.27
N ASP A 20 16.02 -17.84 -0.64
CA ASP A 20 16.02 -16.41 -0.30
C ASP A 20 14.67 -15.96 0.20
N LEU A 21 13.65 -16.40 -0.49
CA LEU A 21 12.30 -15.95 -0.18
C LEU A 21 11.84 -16.56 1.09
N LYS A 22 12.19 -17.83 1.31
CA LYS A 22 11.92 -18.49 2.61
C LYS A 22 12.61 -17.78 3.77
N LYS A 23 13.83 -17.33 3.52
CA LYS A 23 14.58 -16.68 4.54
C LYS A 23 13.95 -15.32 4.87
N VAL A 24 13.66 -14.55 3.85
CA VAL A 24 12.87 -13.31 4.00
C VAL A 24 11.57 -13.51 4.74
N MET A 25 10.83 -14.58 4.40
CA MET A 25 9.55 -14.88 5.09
C MET A 25 9.65 -15.14 6.59
N ARG A 26 10.57 -16.05 6.94
CA ARG A 26 10.79 -16.36 8.36
C ARG A 26 11.25 -15.16 9.14
N ARG A 27 12.02 -14.28 8.53
CA ARG A 27 12.51 -13.13 9.24
C ARG A 27 11.34 -12.12 9.45
N MET A 28 10.45 -12.06 8.48
CA MET A 28 9.26 -11.23 8.61
C MET A 28 8.45 -11.69 9.78
N GLN A 29 8.21 -12.99 9.89
CA GLN A 29 7.49 -13.56 11.03
C GLN A 29 8.16 -13.23 12.34
N LYS A 30 9.49 -13.30 12.38
CA LYS A 30 10.20 -12.90 13.61
C LYS A 30 10.10 -11.37 13.93
N GLU A 31 10.12 -10.52 12.93
CA GLU A 31 9.91 -9.06 13.16
C GLU A 31 8.48 -8.75 13.60
N MET A 32 7.53 -9.50 13.04
CA MET A 32 6.13 -9.41 13.44
C MET A 32 5.95 -9.69 14.90
N ASP A 33 6.54 -10.77 15.34
CA ASP A 33 6.50 -11.13 16.72
C ASP A 33 7.21 -10.10 17.60
N ARG A 34 8.35 -9.60 17.17
CA ARG A 34 8.99 -8.48 17.90
C ARG A 34 8.07 -7.26 18.05
N GLY A 35 7.27 -6.93 17.05
CA GLY A 35 6.44 -5.69 17.06
C GLY A 35 5.26 -5.80 18.00
N LEU A 36 4.80 -7.05 18.19
CA LEU A 36 3.66 -7.41 19.07
C LEU A 36 3.93 -7.46 20.57
N ARG A 37 5.17 -7.81 20.91
CA ARG A 37 5.58 -7.94 22.33
C ARG A 37 5.98 -6.59 22.97
N LEU A 38 5.50 -6.31 24.18
CA LEU A 38 5.89 -5.08 24.93
C LEU A 38 7.42 -4.94 25.11
N GLU A 39 8.06 -6.04 25.44
CA GLU A 39 9.52 -6.03 25.63
C GLU A 39 10.28 -5.44 24.45
N THR A 40 9.91 -5.82 23.22
CA THR A 40 10.66 -5.44 21.98
C THR A 40 9.96 -4.48 20.99
N HIS A 41 8.71 -4.14 21.26
CA HIS A 41 7.86 -3.35 20.36
C HIS A 41 8.52 -2.01 19.98
N ALA A 42 9.08 -1.27 20.95
CA ALA A 42 9.58 0.05 20.74
C ALA A 42 10.76 0.11 19.76
N ALA A 43 11.63 -0.88 19.80
CA ALA A 43 12.72 -1.09 18.82
C ALA A 43 12.35 -1.88 17.58
N ALA A 44 11.13 -2.38 17.43
CA ALA A 44 10.78 -3.21 16.25
C ALA A 44 10.76 -2.42 14.91
N SER A 45 11.37 -2.96 13.86
CA SER A 45 11.24 -2.38 12.57
C SER A 45 9.77 -2.52 12.08
N VAL A 46 9.18 -3.69 12.34
CA VAL A 46 7.81 -3.99 11.95
C VAL A 46 6.93 -3.69 13.16
N LYS A 47 6.23 -2.55 13.06
CA LYS A 47 5.55 -1.93 14.21
C LYS A 47 4.25 -2.60 14.66
N MET A 48 3.55 -3.36 13.82
CA MET A 48 2.36 -4.17 14.28
C MET A 48 1.39 -3.34 15.16
N LEU A 49 0.90 -2.24 14.58
CA LEU A 49 0.20 -1.21 15.28
C LEU A 49 -1.26 -1.64 15.47
N PRO A 50 -1.76 -1.62 16.70
CA PRO A 50 -3.17 -1.99 16.93
C PRO A 50 -4.12 -0.96 16.31
N THR A 51 -5.22 -1.41 15.72
CA THR A 51 -6.13 -0.53 14.98
C THR A 51 -7.46 -0.22 15.72
N TYR A 52 -7.77 -0.93 16.83
CA TYR A 52 -9.07 -0.95 17.51
C TYR A 52 -10.22 -1.44 16.63
N VAL A 53 -9.93 -2.06 15.47
CA VAL A 53 -10.95 -2.66 14.64
C VAL A 53 -10.97 -4.08 15.17
N ARG A 54 -12.09 -4.49 15.73
CA ARG A 54 -12.22 -5.78 16.44
C ARG A 54 -13.16 -6.72 15.77
N SER A 55 -12.98 -8.03 15.97
CA SER A 55 -13.93 -9.05 15.43
C SER A 55 -15.17 -8.82 16.23
N THR A 56 -16.30 -8.83 15.57
CA THR A 56 -17.50 -8.47 16.27
C THR A 56 -18.66 -9.11 15.51
N PRO A 57 -19.83 -9.30 16.17
CA PRO A 57 -21.01 -9.81 15.44
C PRO A 57 -21.29 -8.94 14.17
N GLU A 58 -21.82 -9.52 13.12
CA GLU A 58 -21.97 -8.76 11.88
C GLU A 58 -23.13 -7.78 11.94
N GLY A 59 -23.00 -6.69 11.19
CA GLY A 59 -24.00 -5.69 11.15
C GLY A 59 -23.46 -4.33 11.56
N SER A 60 -24.27 -3.33 11.25
CA SER A 60 -23.95 -1.98 11.49
C SER A 60 -25.21 -1.21 11.52
N GLU A 61 -25.04 0.07 11.71
CA GLU A 61 -26.10 1.00 11.50
C GLU A 61 -26.46 1.01 10.06
N VAL A 62 -27.77 1.17 9.83
CA VAL A 62 -28.34 1.55 8.53
C VAL A 62 -28.27 3.08 8.39
N GLY A 63 -27.95 3.53 7.20
CA GLY A 63 -27.94 4.93 6.89
C GLY A 63 -26.86 5.33 5.88
N ASP A 64 -26.68 6.63 5.78
CA ASP A 64 -25.67 7.21 4.93
C ASP A 64 -24.38 7.46 5.74
N PHE A 65 -23.25 7.18 5.11
CA PHE A 65 -21.94 7.41 5.66
C PHE A 65 -21.00 7.99 4.59
N LEU A 66 -20.21 8.97 4.98
CA LEU A 66 -19.22 9.53 4.08
C LEU A 66 -17.88 8.89 4.40
N SER A 67 -17.07 8.70 3.37
CA SER A 67 -15.70 8.34 3.59
C SER A 67 -14.70 9.22 2.80
N LEU A 68 -13.54 9.44 3.38
CA LEU A 68 -12.45 10.08 2.68
C LEU A 68 -11.32 9.06 2.60
N ASP A 69 -10.58 9.07 1.50
CA ASP A 69 -9.44 8.19 1.35
C ASP A 69 -8.25 9.05 0.89
N LEU A 70 -7.27 9.23 1.77
CA LEU A 70 -5.99 9.91 1.46
C LEU A 70 -4.81 8.92 1.61
N GLY A 71 -4.02 8.74 0.56
CA GLY A 71 -2.90 7.82 0.58
C GLY A 71 -1.86 8.04 -0.48
N GLY A 72 -2.05 9.14 -1.23
CA GLY A 72 -1.31 9.50 -2.45
C GLY A 72 -1.79 10.89 -2.90
N THR A 73 -1.10 11.43 -3.93
CA THR A 73 -1.53 12.61 -4.73
C THR A 73 -3.00 12.56 -5.17
N ASN A 74 -3.47 11.35 -5.46
CA ASN A 74 -4.84 11.13 -5.83
C ASN A 74 -5.71 10.71 -4.65
N PHE A 75 -6.86 11.35 -4.43
CA PHE A 75 -7.72 10.84 -3.41
C PHE A 75 -9.22 10.96 -3.71
N ARG A 76 -10.03 10.50 -2.76
CA ARG A 76 -11.39 10.08 -3.07
C ARG A 76 -12.33 10.38 -1.91
N VAL A 77 -13.49 10.94 -2.27
CA VAL A 77 -14.62 11.11 -1.36
C VAL A 77 -15.75 10.22 -1.85
N MET A 78 -16.45 9.61 -0.91
CA MET A 78 -17.44 8.60 -1.16
C MET A 78 -18.63 8.74 -0.17
N LEU A 79 -19.81 8.43 -0.70
CA LEU A 79 -21.04 8.45 0.01
C LEU A 79 -21.44 6.96 -0.09
N VAL A 80 -21.59 6.34 1.07
CA VAL A 80 -22.00 4.95 1.16
C VAL A 80 -23.30 4.72 1.96
N LYS A 81 -24.22 4.00 1.34
CA LYS A 81 -25.58 3.82 1.93
C LYS A 81 -25.70 2.43 2.32
N VAL A 82 -25.83 2.17 3.60
CA VAL A 82 -26.04 0.80 4.09
C VAL A 82 -27.54 0.60 4.41
N GLY A 83 -28.11 -0.47 3.84
CA GLY A 83 -29.54 -0.78 3.89
C GLY A 83 -29.75 -2.26 4.19
N GLU A 84 -30.93 -2.57 4.65
CA GLU A 84 -31.26 -3.95 5.05
C GLU A 84 -32.67 -4.30 4.53
N GLN A 89 -30.11 -9.67 2.68
CA GLN A 89 -30.79 -8.74 3.53
C GLN A 89 -30.02 -7.41 3.52
N TRP A 90 -28.70 -7.44 3.75
CA TRP A 90 -27.93 -6.18 3.71
C TRP A 90 -27.59 -5.76 2.31
N SER A 91 -27.64 -4.45 2.06
CA SER A 91 -27.11 -3.88 0.83
C SER A 91 -26.27 -2.60 1.05
N VAL A 92 -25.23 -2.45 0.24
CA VAL A 92 -24.29 -1.35 0.33
C VAL A 92 -24.17 -0.75 -1.05
N LYS A 93 -24.52 0.51 -1.19
CA LYS A 93 -24.43 1.23 -2.46
C LYS A 93 -23.53 2.45 -2.29
N THR A 94 -22.65 2.67 -3.26
CA THR A 94 -21.72 3.79 -3.22
C THR A 94 -21.75 4.78 -4.42
N LYS A 95 -21.31 6.02 -4.11
CA LYS A 95 -21.08 7.14 -5.03
C LYS A 95 -19.72 7.73 -4.62
N HIS A 96 -18.87 8.04 -5.62
CA HIS A 96 -17.53 8.57 -5.41
C HIS A 96 -17.26 9.77 -6.33
N GLN A 97 -16.28 10.57 -5.92
CA GLN A 97 -15.58 11.50 -6.76
C GLN A 97 -14.08 11.43 -6.39
N MET A 98 -13.27 11.78 -7.38
CA MET A 98 -11.85 11.75 -7.32
C MET A 98 -11.35 13.15 -7.30
N TYR A 99 -10.22 13.35 -6.61
CA TYR A 99 -9.53 14.65 -6.55
C TYR A 99 -8.04 14.44 -6.57
N SER A 100 -7.36 15.36 -7.24
CA SER A 100 -5.94 15.28 -7.43
C SER A 100 -5.31 16.39 -6.56
N ILE A 101 -4.25 16.09 -5.83
CA ILE A 101 -3.75 17.10 -4.87
C ILE A 101 -2.51 17.76 -5.43
N PRO A 102 -2.49 19.09 -5.49
CA PRO A 102 -1.33 19.74 -6.07
C PRO A 102 -0.15 19.64 -5.14
N GLU A 103 1.03 19.73 -5.71
CA GLU A 103 2.27 19.58 -4.95
C GLU A 103 2.35 20.57 -3.80
N ASP A 104 1.94 21.80 -4.06
CA ASP A 104 1.76 22.89 -3.10
C ASP A 104 1.09 22.49 -1.82
N ALA A 105 0.05 21.67 -1.95
CA ALA A 105 -0.76 21.29 -0.83
C ALA A 105 -0.17 20.12 -0.09
N MET A 106 0.77 19.41 -0.70
CA MET A 106 1.35 18.23 -0.06
C MET A 106 2.69 18.51 0.62
N THR A 107 3.34 19.63 0.26
CA THR A 107 4.65 19.98 0.79
C THR A 107 4.65 21.31 1.56
N GLY A 108 3.48 21.87 1.86
CA GLY A 108 3.35 23.06 2.67
C GLY A 108 3.04 22.61 4.08
N THR A 109 2.09 23.26 4.71
CA THR A 109 1.64 22.81 6.00
C THR A 109 0.52 21.81 5.96
N ALA A 110 0.34 21.15 7.10
CA ALA A 110 -0.81 20.30 7.37
C ALA A 110 -2.15 21.05 7.22
N GLU A 111 -2.20 22.32 7.66
CA GLU A 111 -3.39 23.15 7.53
C GLU A 111 -3.82 23.29 6.04
N MET A 112 -2.83 23.57 5.19
CA MET A 112 -3.01 23.69 3.76
C MET A 112 -3.52 22.35 3.23
N LEU A 113 -2.88 21.24 3.56
CA LEU A 113 -3.35 19.95 3.06
C LEU A 113 -4.81 19.73 3.49
N PHE A 114 -5.14 20.01 4.74
CA PHE A 114 -6.47 19.65 5.26
C PHE A 114 -7.55 20.64 4.80
N ASP A 115 -7.11 21.84 4.43
CA ASP A 115 -8.03 22.81 3.87
C ASP A 115 -8.42 22.39 2.45
N TYR A 116 -7.45 21.91 1.68
CA TYR A 116 -7.71 21.38 0.33
C TYR A 116 -8.72 20.24 0.41
N ILE A 117 -8.41 19.28 1.29
CA ILE A 117 -9.25 18.16 1.56
C ILE A 117 -10.66 18.63 1.88
N SER A 118 -10.78 19.63 2.75
CA SER A 118 -12.10 20.10 3.15
C SER A 118 -12.80 20.81 1.99
N GLU A 119 -12.03 21.52 1.15
CA GLU A 119 -12.61 22.09 -0.06
C GLU A 119 -13.18 20.98 -0.96
N CYS A 120 -12.43 19.88 -1.13
CA CYS A 120 -12.94 18.73 -1.93
C CYS A 120 -14.28 18.10 -1.43
N ILE A 121 -14.36 17.90 -0.14
CA ILE A 121 -15.55 17.35 0.54
C ILE A 121 -16.69 18.29 0.22
N SER A 122 -16.46 19.58 0.38
CA SER A 122 -17.45 20.59 0.02
C SER A 122 -17.97 20.50 -1.41
N ASP A 123 -17.07 20.25 -2.34
CA ASP A 123 -17.40 20.00 -3.72
C ASP A 123 -18.27 18.74 -3.84
N PHE A 124 -17.88 17.69 -3.13
CA PHE A 124 -18.56 16.39 -3.23
C PHE A 124 -19.97 16.61 -2.79
N LEU A 125 -20.14 17.24 -1.64
CA LEU A 125 -21.47 17.42 -1.08
C LEU A 125 -22.39 18.32 -1.93
N ASP A 126 -21.86 19.42 -2.51
CA ASP A 126 -22.60 20.32 -3.44
C ASP A 126 -23.09 19.47 -4.60
N LYS A 127 -22.20 18.64 -5.17
CA LYS A 127 -22.57 17.89 -6.37
C LYS A 127 -23.55 16.72 -6.09
N HIS A 128 -23.73 16.34 -4.82
CA HIS A 128 -24.72 15.34 -4.40
C HIS A 128 -25.88 15.93 -3.58
N GLN A 129 -26.10 17.24 -3.71
CA GLN A 129 -27.22 17.99 -3.06
C GLN A 129 -27.39 17.67 -1.61
N MET A 130 -26.29 17.60 -0.89
CA MET A 130 -26.36 17.13 0.46
C MET A 130 -25.46 17.91 1.41
N LYS A 131 -25.12 19.14 1.03
CA LYS A 131 -24.26 20.00 1.86
C LYS A 131 -24.87 20.35 3.24
N HIS A 132 -26.19 20.34 3.32
CA HIS A 132 -26.93 20.63 4.56
C HIS A 132 -27.03 19.43 5.56
N LYS A 133 -26.55 18.26 5.15
CA LYS A 133 -26.60 17.07 5.99
C LYS A 133 -25.32 16.94 6.79
N LYS A 134 -25.50 16.47 8.01
CA LYS A 134 -24.39 16.22 8.89
C LYS A 134 -24.34 14.72 9.12
N LEU A 135 -23.31 14.05 8.57
CA LEU A 135 -23.22 12.56 8.54
C LEU A 135 -22.01 12.04 9.24
N PRO A 136 -22.03 10.77 9.61
CA PRO A 136 -20.80 10.22 10.11
C PRO A 136 -19.80 9.99 8.98
N LEU A 137 -18.54 10.10 9.33
CA LEU A 137 -17.51 10.04 8.34
C LEU A 137 -16.44 9.15 8.82
N GLY A 138 -15.97 8.30 7.91
CA GLY A 138 -14.80 7.50 8.15
C GLY A 138 -13.66 7.97 7.28
N PHE A 139 -12.48 7.86 7.84
CA PHE A 139 -11.28 8.39 7.19
C PHE A 139 -10.24 7.31 7.04
N THR A 140 -9.98 6.95 5.79
CA THR A 140 -8.90 6.06 5.45
C THR A 140 -7.72 6.97 5.21
N PHE A 141 -6.72 6.81 6.05
CA PHE A 141 -5.55 7.61 6.09
C PHE A 141 -4.32 6.70 6.01
N SER A 142 -3.69 6.65 4.86
CA SER A 142 -2.76 5.60 4.52
C SER A 142 -1.27 5.91 4.88
N PHE A 143 -1.03 6.17 6.16
CA PHE A 143 0.29 6.44 6.72
C PHE A 143 0.35 5.84 8.15
N PRO A 144 1.57 5.58 8.66
CA PRO A 144 1.70 4.97 9.99
C PRO A 144 1.19 5.89 11.11
N VAL A 145 0.33 5.31 11.91
CA VAL A 145 -0.44 6.01 12.89
C VAL A 145 -0.47 5.10 14.12
N ARG A 146 -0.12 5.66 15.26
CA ARG A 146 -0.35 5.02 16.55
C ARG A 146 -1.76 5.41 16.92
N HIS A 147 -2.67 4.43 16.83
CA HIS A 147 -4.07 4.58 17.27
C HIS A 147 -4.18 4.51 18.74
N GLU A 148 -5.03 5.36 19.31
CA GLU A 148 -5.44 5.28 20.72
C GLU A 148 -6.86 4.82 20.86
N ASP A 149 -7.62 4.89 19.77
CA ASP A 149 -8.98 4.34 19.72
C ASP A 149 -9.38 4.31 18.24
N ILE A 150 -10.60 3.92 17.95
CA ILE A 150 -11.13 3.91 16.57
C ILE A 150 -11.09 5.32 15.89
N ASP A 151 -11.18 6.39 16.66
CA ASP A 151 -11.33 7.74 16.10
C ASP A 151 -10.24 8.71 16.53
N LYS A 152 -9.10 8.18 16.97
CA LYS A 152 -7.97 8.96 17.41
C LYS A 152 -6.63 8.30 17.14
N GLY A 153 -5.78 9.01 16.39
CA GLY A 153 -4.51 8.47 16.02
C GLY A 153 -3.48 9.51 15.70
N ILE A 154 -2.24 9.21 16.10
CA ILE A 154 -1.10 10.12 15.95
C ILE A 154 -0.30 9.64 14.81
N LEU A 155 -0.05 10.54 13.86
CA LEU A 155 0.86 10.34 12.76
C LEU A 155 2.28 10.21 13.27
N LEU A 156 2.85 9.02 13.02
CA LEU A 156 4.20 8.69 13.43
C LEU A 156 5.16 9.29 12.49
N ASN A 157 4.97 9.07 11.20
CA ASN A 157 5.74 9.76 10.18
C ASN A 157 5.12 9.62 8.81
N TRP A 158 5.37 10.60 7.95
CA TRP A 158 4.91 10.54 6.62
C TRP A 158 5.68 9.44 5.90
N THR A 159 5.07 8.90 4.84
CA THR A 159 5.71 7.95 3.97
C THR A 159 5.32 8.32 2.55
N LYS A 160 5.87 7.56 1.61
CA LYS A 160 5.59 7.74 0.18
C LYS A 160 5.73 9.18 -0.25
N GLY A 161 6.71 9.91 0.24
CA GLY A 161 6.94 11.31 -0.28
C GLY A 161 6.13 12.47 0.29
N PHE A 162 5.11 12.23 1.15
CA PHE A 162 4.43 13.33 1.88
C PHE A 162 5.39 14.03 2.89
N LYS A 163 5.20 15.35 3.00
CA LYS A 163 6.05 16.26 3.75
C LYS A 163 5.31 17.31 4.56
N ALA A 164 4.01 17.50 4.39
CA ALA A 164 3.26 18.55 5.06
C ALA A 164 3.77 18.71 6.46
N SER A 165 4.01 19.96 6.86
CA SER A 165 4.57 20.28 8.18
C SER A 165 3.45 20.41 9.22
N GLY A 166 3.79 20.17 10.49
CA GLY A 166 2.85 20.30 11.59
C GLY A 166 1.93 19.10 11.76
N ALA A 167 2.30 17.95 11.21
CA ALA A 167 1.35 16.81 11.20
C ALA A 167 1.86 15.67 12.07
N GLU A 168 3.15 15.35 11.87
CA GLU A 168 3.81 14.26 12.61
C GLU A 168 3.75 14.59 14.10
N GLY A 169 3.37 13.61 14.89
CA GLY A 169 3.23 13.78 16.32
C GLY A 169 1.87 14.29 16.73
N ASN A 170 1.02 14.65 15.74
CA ASN A 170 -0.28 15.25 16.01
C ASN A 170 -1.41 14.26 15.66
N ASN A 171 -2.53 14.41 16.36
CA ASN A 171 -3.75 13.70 16.11
C ASN A 171 -4.39 14.07 14.73
N VAL A 172 -4.39 13.12 13.81
CA VAL A 172 -4.76 13.39 12.44
C VAL A 172 -6.27 13.66 12.33
N VAL A 173 -7.03 13.01 13.16
CA VAL A 173 -8.44 13.32 13.27
C VAL A 173 -8.74 14.75 13.66
N GLY A 174 -8.01 15.25 14.66
CA GLY A 174 -8.03 16.69 15.07
C GLY A 174 -7.74 17.60 13.91
N LEU A 175 -6.76 17.25 13.10
CA LEU A 175 -6.40 18.11 11.96
C LEU A 175 -7.55 18.15 10.92
N LEU A 176 -8.17 16.99 10.66
CA LEU A 176 -9.37 16.94 9.84
C LEU A 176 -10.50 17.80 10.39
N ARG A 177 -10.84 17.63 11.65
CA ARG A 177 -11.92 18.40 12.24
C ARG A 177 -11.65 19.89 12.26
N ASP A 178 -10.42 20.26 12.61
CA ASP A 178 -10.06 21.69 12.69
C ASP A 178 -10.24 22.29 11.33
N ALA A 179 -9.78 21.58 10.26
CA ALA A 179 -9.94 22.11 8.90
C ALA A 179 -11.43 22.27 8.48
N ILE A 180 -12.24 21.26 8.82
CA ILE A 180 -13.69 21.32 8.56
C ILE A 180 -14.31 22.55 9.20
N LYS A 181 -13.98 22.77 10.47
CA LYS A 181 -14.47 23.93 11.19
C LYS A 181 -13.89 25.27 10.68
N ARG A 182 -12.62 25.31 10.30
CA ARG A 182 -12.06 26.55 9.67
C ARG A 182 -12.87 26.96 8.43
N ARG A 183 -13.29 26.00 7.62
CA ARG A 183 -14.11 26.23 6.45
C ARG A 183 -15.55 26.65 6.83
N GLY A 184 -16.17 25.95 7.79
CA GLY A 184 -17.52 26.35 8.28
C GLY A 184 -18.67 26.24 7.29
N ASP A 185 -18.45 25.47 6.27
CA ASP A 185 -19.32 25.33 5.13
C ASP A 185 -20.25 24.08 5.21
N PHE A 186 -19.93 23.19 6.15
CA PHE A 186 -20.64 21.92 6.33
C PHE A 186 -20.17 21.37 7.68
N GLU A 187 -20.89 20.35 8.16
CA GLU A 187 -20.53 19.68 9.41
C GLU A 187 -20.52 18.19 9.15
N MET A 188 -19.64 17.49 9.85
CA MET A 188 -19.54 16.00 9.79
C MET A 188 -19.05 15.54 11.13
N ASP A 189 -19.45 14.33 11.53
CA ASP A 189 -18.91 13.66 12.69
C ASP A 189 -17.88 12.66 12.26
N VAL A 190 -16.60 12.95 12.51
CA VAL A 190 -15.60 12.00 12.21
C VAL A 190 -15.63 10.90 13.28
N VAL A 191 -15.98 9.68 12.88
CA VAL A 191 -16.20 8.61 13.88
C VAL A 191 -15.13 7.50 13.80
N ALA A 192 -14.30 7.49 12.74
CA ALA A 192 -13.32 6.43 12.57
C ALA A 192 -12.19 6.86 11.65
N MET A 193 -11.00 6.36 11.95
CA MET A 193 -9.84 6.57 11.11
C MET A 193 -9.12 5.25 11.08
N VAL A 194 -8.91 4.75 9.85
CA VAL A 194 -8.27 3.47 9.56
C VAL A 194 -7.18 3.60 8.48
N ASN A 195 -6.23 2.66 8.51
CA ASN A 195 -5.30 2.48 7.44
C ASN A 195 -6.01 1.94 6.17
N ASP A 196 -5.41 2.12 4.99
CA ASP A 196 -6.01 1.55 3.73
C ASP A 196 -6.07 0.01 3.71
N THR A 197 -5.04 -0.66 4.24
CA THR A 197 -5.11 -2.10 4.43
C THR A 197 -6.37 -2.59 5.11
N VAL A 198 -6.66 -1.90 6.18
CA VAL A 198 -7.70 -2.24 7.09
C VAL A 198 -9.02 -1.98 6.41
N ALA A 199 -9.15 -0.81 5.78
CA ALA A 199 -10.36 -0.53 5.02
C ALA A 199 -10.58 -1.58 3.95
N THR A 200 -9.50 -2.02 3.32
CA THR A 200 -9.62 -3.00 2.22
C THR A 200 -10.05 -4.31 2.81
N MET A 201 -9.49 -4.65 3.96
CA MET A 201 -9.89 -5.89 4.63
C MET A 201 -11.37 -5.90 5.02
N ILE A 202 -11.86 -4.78 5.53
CA ILE A 202 -13.25 -4.71 6.03
C ILE A 202 -14.24 -4.78 4.91
N SER A 203 -13.99 -4.03 3.84
CA SER A 203 -14.78 -4.12 2.57
C SER A 203 -14.83 -5.51 1.95
N CYS A 204 -13.74 -6.24 2.11
CA CYS A 204 -13.61 -7.61 1.65
C CYS A 204 -14.36 -8.56 2.57
N TYR A 205 -14.22 -8.33 3.87
CA TYR A 205 -14.91 -9.08 4.91
C TYR A 205 -16.40 -8.98 4.71
N TYR A 206 -16.90 -7.80 4.34
CA TYR A 206 -18.32 -7.66 4.07
C TYR A 206 -18.80 -8.63 3.01
N GLU A 207 -17.98 -8.88 1.99
CA GLU A 207 -18.33 -9.80 0.91
C GLU A 207 -18.08 -11.25 1.29
N ASP A 208 -17.04 -11.52 2.06
CA ASP A 208 -16.61 -12.88 2.32
C ASP A 208 -16.03 -12.92 3.73
N HIS A 209 -16.75 -13.56 4.65
CA HIS A 209 -16.41 -13.42 6.05
C HIS A 209 -15.13 -14.19 6.39
N GLN A 210 -14.50 -14.84 5.43
CA GLN A 210 -13.20 -15.44 5.72
C GLN A 210 -12.06 -14.51 5.37
N CYS A 211 -12.41 -13.29 4.97
CA CYS A 211 -11.41 -12.29 4.70
C CYS A 211 -10.90 -11.65 5.98
N GLU A 212 -9.67 -11.99 6.36
CA GLU A 212 -9.07 -11.52 7.61
C GLU A 212 -7.69 -10.93 7.34
N VAL A 213 -7.38 -10.67 6.09
CA VAL A 213 -6.11 -10.02 5.76
C VAL A 213 -6.43 -8.97 4.71
N GLY A 214 -5.73 -7.85 4.79
CA GLY A 214 -5.82 -6.83 3.76
C GLY A 214 -4.43 -6.47 3.33
N MET A 215 -4.26 -6.26 2.02
CA MET A 215 -2.98 -5.89 1.48
C MET A 215 -3.13 -4.81 0.44
N ILE A 216 -2.19 -3.89 0.41
CA ILE A 216 -2.08 -2.89 -0.64
C ILE A 216 -0.74 -3.03 -1.36
N VAL A 217 -0.79 -3.13 -2.66
CA VAL A 217 0.45 -2.92 -3.45
C VAL A 217 0.12 -1.82 -4.43
N GLY A 218 0.50 -0.61 -4.03
CA GLY A 218 0.05 0.63 -4.71
C GLY A 218 1.31 1.47 -4.86
N THR A 219 1.20 2.75 -4.55
CA THR A 219 2.37 3.62 -4.43
C THR A 219 3.24 3.08 -3.34
N GLY A 220 2.60 2.53 -2.32
CA GLY A 220 3.30 1.91 -1.22
C GLY A 220 2.84 0.49 -1.05
N CYS A 221 3.41 -0.20 -0.06
CA CYS A 221 3.10 -1.62 0.14
C CYS A 221 3.03 -1.95 1.60
N ASN A 222 1.92 -2.57 2.00
CA ASN A 222 1.58 -2.79 3.39
C ASN A 222 0.50 -3.86 3.53
N ALA A 223 0.40 -4.41 4.73
CA ALA A 223 -0.67 -5.34 5.03
C ALA A 223 -1.15 -5.29 6.44
N CYS A 224 -2.35 -5.80 6.65
CA CYS A 224 -2.97 -5.92 7.94
C CYS A 224 -3.61 -7.26 8.03
N TYR A 225 -3.86 -7.69 9.26
CA TYR A 225 -4.47 -9.00 9.51
C TYR A 225 -5.08 -9.03 10.93
N MET A 226 -5.94 -10.03 11.17
CA MET A 226 -6.59 -10.19 12.46
C MET A 226 -5.75 -11.07 13.39
N GLU A 227 -5.38 -10.52 14.55
CA GLU A 227 -4.52 -11.18 15.53
C GLU A 227 -5.34 -11.57 16.75
N GLU A 228 -4.94 -12.65 17.43
CA GLU A 228 -5.62 -12.95 18.68
C GLU A 228 -5.26 -11.87 19.69
N MET A 229 -6.22 -11.44 20.49
CA MET A 229 -6.00 -10.36 21.44
C MET A 229 -4.90 -10.65 22.45
N GLN A 230 -4.78 -11.91 22.91
CA GLN A 230 -3.68 -12.26 23.80
C GLN A 230 -2.33 -11.97 23.15
N ASN A 231 -2.21 -12.06 21.83
CA ASN A 231 -0.92 -11.78 21.20
C ASN A 231 -0.65 -10.29 21.03
N VAL A 232 -1.73 -9.49 21.17
CA VAL A 232 -1.66 -8.05 21.06
C VAL A 232 -1.43 -7.48 22.47
N GLU A 233 -0.18 -7.52 22.89
CA GLU A 233 0.17 -7.18 24.24
C GLU A 233 0.01 -5.69 24.49
N LEU A 234 0.06 -4.86 23.45
CA LEU A 234 -0.16 -3.44 23.59
C LEU A 234 -1.57 -3.03 24.00
N VAL A 235 -2.54 -3.94 23.92
CA VAL A 235 -3.94 -3.62 24.24
C VAL A 235 -4.44 -4.68 25.20
N GLU A 236 -4.88 -4.26 26.38
CA GLU A 236 -5.30 -5.17 27.42
C GLU A 236 -6.44 -6.04 26.93
N GLY A 237 -6.44 -7.31 27.33
CA GLY A 237 -7.53 -8.26 27.00
C GLY A 237 -7.03 -9.40 26.14
N ASP A 238 -7.68 -10.55 26.28
CA ASP A 238 -7.28 -11.80 25.65
C ASP A 238 -8.34 -12.34 24.71
N GLU A 239 -9.55 -11.81 24.79
CA GLU A 239 -10.70 -12.38 24.09
C GLU A 239 -10.89 -11.76 22.72
N GLY A 240 -11.18 -12.59 21.74
CA GLY A 240 -11.44 -12.13 20.39
C GLY A 240 -10.21 -11.74 19.61
N ARG A 241 -10.39 -11.01 18.51
CA ARG A 241 -9.32 -10.65 17.64
C ARG A 241 -9.31 -9.12 17.38
N MET A 242 -8.14 -8.61 17.02
CA MET A 242 -8.01 -7.24 16.60
C MET A 242 -7.17 -7.14 15.36
N CYS A 243 -7.55 -6.21 14.49
CA CYS A 243 -6.73 -5.96 13.27
C CYS A 243 -5.46 -5.24 13.69
N VAL A 244 -4.34 -5.68 13.13
CA VAL A 244 -3.01 -5.13 13.38
C VAL A 244 -2.51 -4.66 12.04
N ASN A 245 -2.11 -3.39 12.01
CA ASN A 245 -1.53 -2.79 10.88
C ASN A 245 -0.05 -3.01 10.93
N THR A 246 0.44 -3.89 10.09
CA THR A 246 1.85 -4.32 10.27
C THR A 246 2.81 -3.19 10.00
N GLU A 247 2.45 -2.30 9.06
CA GLU A 247 3.47 -1.41 8.45
C GLU A 247 4.70 -2.18 8.04
N TRP A 248 4.51 -3.28 7.30
CA TRP A 248 5.62 -4.09 6.83
C TRP A 248 6.52 -3.38 5.86
N GLY A 249 6.12 -2.20 5.37
CA GLY A 249 6.99 -1.39 4.55
C GLY A 249 8.34 -1.11 5.17
N ALA A 250 8.37 -0.93 6.50
CA ALA A 250 9.59 -0.70 7.23
C ALA A 250 10.45 -1.92 7.54
N PHE A 251 10.01 -3.10 7.09
CA PHE A 251 10.83 -4.28 7.23
C PHE A 251 12.12 -3.95 6.49
N GLY A 252 13.21 -4.44 7.04
CA GLY A 252 14.55 -4.12 6.57
C GLY A 252 15.19 -2.90 7.22
N ASP A 253 14.40 -2.05 7.86
CA ASP A 253 14.95 -0.85 8.52
C ASP A 253 15.85 -1.13 9.74
N SER A 254 15.87 -2.36 10.26
CA SER A 254 16.91 -2.75 11.21
C SER A 254 17.97 -3.64 10.57
N GLY A 255 18.18 -3.54 9.24
CA GLY A 255 19.17 -4.37 8.52
C GLY A 255 18.72 -5.77 8.08
N GLU A 256 17.47 -6.10 8.28
CA GLU A 256 16.99 -7.46 7.99
C GLU A 256 17.11 -7.91 6.55
N LEU A 257 17.20 -6.96 5.60
CA LEU A 257 17.29 -7.27 4.19
C LEU A 257 18.67 -6.99 3.59
N ASP A 258 19.66 -6.63 4.40
CA ASP A 258 20.91 -6.10 3.84
C ASP A 258 21.48 -6.98 2.71
N GLU A 259 21.48 -8.29 2.90
CA GLU A 259 22.03 -9.22 1.90
C GLU A 259 21.36 -9.21 0.54
N PHE A 260 20.18 -8.63 0.44
CA PHE A 260 19.41 -8.71 -0.78
C PHE A 260 19.49 -7.40 -1.52
N LEU A 261 19.87 -6.33 -0.82
CA LEU A 261 19.84 -5.01 -1.42
C LEU A 261 20.95 -4.84 -2.45
N LEU A 262 20.65 -4.12 -3.53
CA LEU A 262 21.54 -3.91 -4.68
C LEU A 262 21.87 -2.42 -4.77
N GLU A 263 22.76 -2.09 -5.71
CA GLU A 263 23.23 -0.75 -5.87
C GLU A 263 22.08 0.20 -6.12
N TYR A 264 21.12 -0.21 -6.95
CA TYR A 264 20.03 0.65 -7.37
C TYR A 264 19.01 0.90 -6.24
N ASP A 265 18.90 -0.08 -5.35
CA ASP A 265 18.09 0.05 -4.15
C ASP A 265 18.60 1.13 -3.20
N ARG A 266 19.92 1.11 -2.95
CA ARG A 266 20.56 2.14 -2.13
C ARG A 266 20.41 3.52 -2.70
N LEU A 267 20.45 3.62 -4.03
CA LEU A 267 20.34 4.87 -4.73
C LEU A 267 18.93 5.42 -4.71
N VAL A 268 17.93 4.54 -4.88
CA VAL A 268 16.54 4.95 -4.75
C VAL A 268 16.35 5.49 -3.34
N ASP A 269 17.03 4.83 -2.38
CA ASP A 269 16.80 5.14 -0.95
C ASP A 269 17.45 6.47 -0.61
N GLU A 270 18.74 6.59 -0.91
CA GLU A 270 19.47 7.85 -0.71
C GLU A 270 18.79 9.11 -1.28
N SER A 271 18.16 9.02 -2.45
CA SER A 271 17.47 10.19 -3.06
C SER A 271 15.97 10.30 -2.74
N SER A 272 15.43 9.39 -1.93
CA SER A 272 14.01 9.40 -1.55
C SER A 272 13.78 10.46 -0.46
N ALA A 273 12.52 10.83 -0.26
CA ALA A 273 12.16 11.80 0.81
C ALA A 273 12.48 11.32 2.25
N ASN A 274 12.67 10.01 2.43
CA ASN A 274 12.86 9.37 3.73
C ASN A 274 13.98 8.34 3.76
N PRO A 275 15.26 8.77 3.52
CA PRO A 275 16.37 7.76 3.43
C PRO A 275 16.46 6.83 4.65
N GLY A 276 16.71 5.54 4.44
CA GLY A 276 16.84 4.51 5.51
C GLY A 276 15.51 3.96 6.03
N GLN A 277 14.40 4.44 5.52
CA GLN A 277 13.09 3.98 5.96
C GLN A 277 12.27 3.39 4.81
N GLN A 278 11.36 2.52 5.18
CA GLN A 278 10.49 1.85 4.25
C GLN A 278 11.26 1.10 3.18
N LEU A 279 12.36 0.45 3.58
CA LEU A 279 13.23 -0.24 2.63
C LEU A 279 12.57 -1.39 1.90
N TYR A 280 11.74 -2.15 2.61
CA TYR A 280 11.09 -3.29 2.01
C TYR A 280 10.11 -2.75 1.02
N GLU A 281 9.40 -1.70 1.40
CA GLU A 281 8.50 -1.02 0.48
C GLU A 281 9.19 -0.47 -0.76
N LYS A 282 10.40 0.07 -0.57
CA LYS A 282 11.20 0.56 -1.71
C LYS A 282 11.55 -0.54 -2.74
N LEU A 283 11.46 -1.82 -2.35
CA LEU A 283 11.69 -2.93 -3.28
C LEU A 283 10.49 -3.20 -4.15
N ILE A 284 9.31 -2.74 -3.67
CA ILE A 284 8.03 -3.14 -4.22
C ILE A 284 7.09 -2.02 -4.71
N GLY A 285 6.86 -0.99 -3.91
CA GLY A 285 5.85 -0.02 -4.20
C GLY A 285 5.96 0.70 -5.54
N GLY A 286 4.79 1.12 -6.03
CA GLY A 286 4.69 1.85 -7.31
C GLY A 286 5.40 3.18 -7.33
N LYS A 287 5.57 3.79 -6.16
CA LYS A 287 6.39 4.99 -6.05
C LYS A 287 7.82 4.81 -6.61
N TYR A 288 8.37 3.60 -6.50
CA TYR A 288 9.83 3.38 -6.66
C TYR A 288 10.21 2.43 -7.78
N MET A 289 9.25 1.66 -8.30
CA MET A 289 9.56 0.56 -9.21
C MET A 289 9.96 1.12 -10.56
N GLY A 290 9.34 2.23 -10.94
CA GLY A 290 9.66 2.92 -12.19
C GLY A 290 11.05 3.52 -12.14
N GLU A 291 11.41 4.07 -10.98
CA GLU A 291 12.76 4.61 -10.73
C GLU A 291 13.86 3.56 -10.66
N LEU A 292 13.63 2.42 -10.00
CA LEU A 292 14.61 1.31 -10.02
C LEU A 292 14.99 0.97 -11.48
N VAL A 293 13.95 0.81 -12.30
CA VAL A 293 14.10 0.47 -13.74
C VAL A 293 14.98 1.52 -14.43
N ARG A 294 14.60 2.79 -14.36
CA ARG A 294 15.43 3.87 -14.91
C ARG A 294 16.93 3.66 -14.60
N LEU A 295 17.27 3.64 -13.31
CA LEU A 295 18.63 3.40 -12.76
C LEU A 295 19.33 2.14 -13.31
N VAL A 296 18.54 1.14 -13.66
CA VAL A 296 19.08 -0.06 -14.26
C VAL A 296 19.45 0.27 -15.70
N LEU A 297 18.57 0.97 -16.42
CA LEU A 297 18.84 1.29 -17.82
C LEU A 297 20.10 2.15 -17.89
N LEU A 298 20.24 3.13 -16.98
CA LEU A 298 21.49 3.95 -16.90
C LEU A 298 22.77 3.15 -16.57
N ARG A 299 22.60 1.98 -15.97
CA ARG A 299 23.72 1.05 -15.80
C ARG A 299 24.00 0.39 -17.15
N LEU A 300 22.95 0.01 -17.88
CA LEU A 300 23.13 -0.71 -19.15
C LEU A 300 23.51 0.24 -20.29
N VAL A 301 23.43 1.55 -20.05
CA VAL A 301 23.86 2.55 -21.02
C VAL A 301 25.31 2.90 -20.77
N ASP A 302 25.70 2.96 -19.50
CA ASP A 302 27.06 3.29 -19.10
C ASP A 302 27.91 2.04 -19.01
N GLU A 303 27.31 0.92 -19.38
CA GLU A 303 28.05 -0.25 -19.77
C GLU A 303 28.14 -0.35 -21.28
N ASN A 304 27.60 0.66 -21.99
CA ASN A 304 27.59 0.62 -23.46
C ASN A 304 26.81 -0.57 -24.02
N LEU A 305 25.78 -0.95 -23.28
CA LEU A 305 25.04 -2.15 -23.61
C LEU A 305 23.62 -1.83 -24.03
N LEU A 306 23.27 -0.54 -24.08
CA LEU A 306 21.89 -0.12 -24.37
C LEU A 306 21.85 1.22 -25.06
N PHE A 307 20.95 1.35 -26.05
CA PHE A 307 20.85 2.57 -26.89
C PHE A 307 22.26 2.93 -27.36
N HIS A 308 22.92 1.97 -28.01
CA HIS A 308 24.34 2.08 -28.44
C HIS A 308 25.16 3.03 -27.54
N GLY A 309 24.94 2.92 -26.23
CA GLY A 309 25.61 3.76 -25.22
C GLY A 309 25.07 5.17 -24.98
N GLU A 310 23.93 5.48 -25.61
CA GLU A 310 23.37 6.85 -25.70
C GLU A 310 22.11 7.01 -24.84
N ALA A 311 22.14 7.92 -23.86
CA ALA A 311 20.95 8.16 -23.01
C ALA A 311 20.53 9.63 -22.97
N SER A 312 19.22 9.84 -23.14
CA SER A 312 18.63 11.18 -23.30
C SER A 312 18.74 12.02 -22.01
N GLU A 313 18.14 13.21 -22.03
CA GLU A 313 18.14 14.12 -20.88
C GLU A 313 17.04 13.71 -19.90
N GLN A 314 15.95 13.21 -20.46
CA GLN A 314 14.81 12.69 -19.69
C GLN A 314 15.27 11.51 -18.84
N LEU A 315 16.10 10.64 -19.43
CA LEU A 315 16.62 9.46 -18.72
C LEU A 315 17.72 9.82 -17.70
N ARG A 316 18.44 10.92 -17.91
CA ARG A 316 19.37 11.43 -16.90
C ARG A 316 18.64 12.04 -15.67
N THR A 317 17.31 12.15 -15.72
CA THR A 317 16.58 12.90 -14.69
C THR A 317 15.63 12.00 -13.87
N ARG A 318 15.73 12.14 -12.55
CA ARG A 318 14.98 11.36 -11.59
C ARG A 318 13.46 11.47 -11.78
N GLY A 319 12.79 10.34 -11.96
CA GLY A 319 11.30 10.25 -11.95
C GLY A 319 10.68 9.98 -13.31
N ALA A 320 11.51 10.08 -14.34
CA ALA A 320 11.09 10.06 -15.74
C ALA A 320 10.56 8.70 -16.14
N PHE A 321 11.05 7.63 -15.51
CA PHE A 321 10.51 6.31 -15.85
C PHE A 321 9.38 5.94 -14.90
N GLU A 322 8.16 6.21 -15.31
CA GLU A 322 7.06 6.19 -14.41
C GLU A 322 6.59 4.76 -14.30
N THR A 323 6.24 4.37 -13.09
CA THR A 323 5.70 3.03 -12.87
C THR A 323 4.61 2.62 -13.87
N ARG A 324 3.79 3.59 -14.31
CA ARG A 324 2.80 3.29 -15.33
C ARG A 324 3.48 2.77 -16.63
N PHE A 325 4.63 3.34 -16.98
CA PHE A 325 5.42 2.88 -18.11
C PHE A 325 5.84 1.41 -17.97
N VAL A 326 6.27 1.04 -16.76
CA VAL A 326 6.72 -0.33 -16.51
C VAL A 326 5.56 -1.26 -16.82
N SER A 327 4.38 -0.91 -16.31
CA SER A 327 3.15 -1.65 -16.60
C SER A 327 2.79 -1.77 -18.12
N GLN A 328 3.07 -0.73 -18.88
CA GLN A 328 2.67 -0.70 -20.27
C GLN A 328 3.66 -1.50 -21.14
N VAL A 329 4.94 -1.15 -21.00
CA VAL A 329 6.06 -1.96 -21.51
C VAL A 329 5.72 -3.45 -21.47
N GLU A 330 5.28 -3.90 -20.31
CA GLU A 330 5.02 -5.31 -20.09
C GLU A 330 3.70 -5.85 -20.64
N SER A 331 2.78 -4.98 -21.07
CA SER A 331 1.44 -5.45 -21.47
C SER A 331 1.30 -5.72 -22.98
N GLY A 334 3.53 -8.96 -28.13
CA GLY A 334 4.82 -9.40 -28.67
C GLY A 334 5.24 -8.75 -29.98
N ASP A 335 4.42 -7.83 -30.48
CA ASP A 335 4.69 -7.06 -31.73
C ASP A 335 5.53 -5.78 -31.47
N ARG A 336 5.92 -5.61 -30.20
CA ARG A 336 6.78 -4.50 -29.78
C ARG A 336 6.17 -3.10 -29.77
N LYS A 337 4.85 -3.00 -29.94
CA LYS A 337 4.17 -1.72 -30.20
C LYS A 337 4.02 -0.76 -28.99
N GLN A 338 3.53 -1.22 -27.84
CA GLN A 338 3.48 -0.32 -26.65
C GLN A 338 4.88 0.05 -26.20
N ILE A 339 5.77 -0.95 -26.12
CA ILE A 339 7.16 -0.73 -25.70
C ILE A 339 7.76 0.37 -26.58
N TYR A 340 7.59 0.18 -27.91
CA TYR A 340 7.98 1.15 -28.96
C TYR A 340 7.41 2.56 -28.66
N ASN A 341 6.20 2.61 -28.11
CA ASN A 341 5.51 3.88 -27.84
C ASN A 341 5.36 4.32 -26.37
N ILE A 342 6.25 3.81 -25.52
CA ILE A 342 6.63 4.43 -24.23
C ILE A 342 8.03 5.05 -24.41
N LEU A 343 8.90 4.31 -25.10
CA LEU A 343 10.27 4.74 -25.39
C LEU A 343 10.27 5.90 -26.37
N SER A 344 9.51 5.76 -27.46
CA SER A 344 9.22 6.88 -28.35
C SER A 344 9.32 8.25 -27.62
N THR A 345 8.43 8.51 -26.66
CA THR A 345 8.35 9.85 -26.03
C THR A 345 9.62 10.23 -25.26
N LEU A 346 10.23 9.24 -24.61
CA LEU A 346 11.43 9.50 -23.80
C LEU A 346 12.67 9.95 -24.58
N GLY A 347 12.53 10.17 -25.90
CA GLY A 347 13.61 10.72 -26.71
C GLY A 347 14.62 9.63 -27.03
N LEU A 348 14.11 8.54 -27.60
CA LEU A 348 14.92 7.33 -27.81
C LEU A 348 14.49 6.53 -29.04
N ARG A 349 15.39 5.65 -29.50
CA ARG A 349 15.19 4.93 -30.76
C ARG A 349 15.52 3.45 -30.54
N PRO A 350 14.57 2.69 -29.97
CA PRO A 350 14.96 1.31 -29.74
C PRO A 350 15.21 0.61 -31.07
N SER A 351 16.35 -0.08 -31.11
CA SER A 351 16.54 -1.16 -32.05
C SER A 351 15.37 -2.06 -31.74
N THR A 352 15.15 -3.10 -32.50
CA THR A 352 14.24 -4.12 -32.00
C THR A 352 14.84 -4.78 -30.72
N THR A 353 16.18 -4.78 -30.55
CA THR A 353 16.86 -5.40 -29.36
C THR A 353 16.69 -4.60 -28.07
N ASP A 354 16.71 -3.27 -28.17
CA ASP A 354 16.49 -2.38 -27.02
C ASP A 354 15.09 -2.54 -26.42
N CYS A 355 14.07 -2.53 -27.28
CA CYS A 355 12.70 -2.92 -26.90
C CYS A 355 12.70 -4.17 -26.01
N ASP A 356 13.51 -5.15 -26.40
CA ASP A 356 13.59 -6.43 -25.68
C ASP A 356 14.29 -6.32 -24.35
N ILE A 357 15.31 -5.48 -24.33
CA ILE A 357 16.16 -5.27 -23.17
C ILE A 357 15.37 -4.49 -22.09
N VAL A 358 15.00 -3.26 -22.40
CA VAL A 358 13.98 -2.54 -21.62
C VAL A 358 12.87 -3.39 -21.07
N ARG A 359 12.27 -4.24 -21.90
CA ARG A 359 11.24 -5.17 -21.43
C ARG A 359 11.77 -6.16 -20.38
N ARG A 360 12.99 -6.66 -20.59
CA ARG A 360 13.63 -7.61 -19.68
C ARG A 360 13.94 -6.93 -18.36
N ALA A 361 14.45 -5.70 -18.40
CA ALA A 361 14.65 -4.89 -17.21
C ALA A 361 13.32 -4.66 -16.42
N CYS A 362 12.35 -3.95 -16.96
CA CYS A 362 10.99 -3.92 -16.38
C CYS A 362 10.56 -5.21 -15.71
N GLU A 363 10.70 -6.31 -16.43
CA GLU A 363 10.32 -7.62 -15.95
C GLU A 363 11.17 -8.10 -14.75
N SER A 364 12.46 -7.78 -14.75
CA SER A 364 13.36 -8.14 -13.66
C SER A 364 13.01 -7.43 -12.37
N VAL A 365 12.75 -6.13 -12.47
CA VAL A 365 12.42 -5.33 -11.33
C VAL A 365 11.02 -5.70 -10.83
N SER A 366 10.07 -5.85 -11.75
CA SER A 366 8.70 -6.23 -11.40
C SER A 366 8.61 -7.62 -10.79
N THR A 367 9.40 -8.57 -11.27
CA THR A 367 9.33 -9.94 -10.78
C THR A 367 9.90 -10.00 -9.36
N ARG A 368 10.97 -9.26 -9.13
CA ARG A 368 11.55 -9.23 -7.81
C ARG A 368 10.55 -8.61 -6.82
N ALA A 369 9.80 -7.60 -7.23
CA ALA A 369 8.74 -7.04 -6.39
C ALA A 369 7.65 -8.03 -6.01
N ALA A 370 7.15 -8.79 -6.96
CA ALA A 370 6.09 -9.80 -6.67
C ALA A 370 6.60 -10.86 -5.73
N HIS A 371 7.90 -11.20 -5.87
CA HIS A 371 8.51 -12.29 -5.11
C HIS A 371 8.77 -11.81 -3.70
N MET A 372 9.43 -10.66 -3.55
CA MET A 372 9.57 -10.01 -2.23
C MET A 372 8.25 -9.85 -1.51
N CYS A 373 7.26 -9.29 -2.20
CA CYS A 373 5.91 -9.13 -1.67
C CYS A 373 5.28 -10.43 -1.22
N SER A 374 5.43 -11.49 -2.04
CA SER A 374 4.90 -12.79 -1.70
C SER A 374 5.45 -13.37 -0.40
N ALA A 375 6.71 -13.09 -0.09
CA ALA A 375 7.31 -13.61 1.14
C ALA A 375 6.74 -13.00 2.40
N GLY A 376 6.40 -11.73 2.32
CA GLY A 376 5.77 -11.07 3.46
C GLY A 376 4.37 -11.63 3.72
N LEU A 377 3.62 -11.76 2.63
CA LEU A 377 2.26 -12.20 2.79
C LEU A 377 2.20 -13.67 3.25
N ALA A 378 3.10 -14.51 2.71
CA ALA A 378 3.23 -15.89 3.18
C ALA A 378 3.50 -15.97 4.69
N GLY A 379 4.38 -15.11 5.19
CA GLY A 379 4.68 -14.94 6.59
C GLY A 379 3.47 -14.65 7.45
N VAL A 380 2.68 -13.67 7.00
CA VAL A 380 1.44 -13.27 7.68
C VAL A 380 0.51 -14.46 7.70
N ILE A 381 0.31 -15.03 6.53
CA ILE A 381 -0.64 -16.12 6.35
C ILE A 381 -0.18 -17.34 7.13
N ASN A 382 1.10 -17.72 6.98
CA ASN A 382 1.60 -18.93 7.67
C ASN A 382 1.60 -18.76 9.21
N ARG A 383 1.79 -17.53 9.69
CA ARG A 383 1.71 -17.25 11.12
C ARG A 383 0.30 -17.42 11.64
N MET A 384 -0.69 -16.90 10.92
CA MET A 384 -2.10 -17.09 11.29
C MET A 384 -2.48 -18.59 11.26
N ARG A 385 -2.05 -19.31 10.23
CA ARG A 385 -2.36 -20.77 10.20
C ARG A 385 -1.85 -21.47 11.44
N GLU A 386 -0.58 -21.20 11.75
CA GLU A 386 0.11 -21.80 12.89
C GLU A 386 -0.55 -21.43 14.22
N SER A 387 -1.19 -20.26 14.32
CA SER A 387 -1.82 -19.77 15.57
C SER A 387 -3.14 -20.43 15.77
N ARG A 388 -3.62 -21.22 14.79
CA ARG A 388 -4.99 -21.82 14.83
C ARG A 388 -4.89 -23.35 14.74
N SER A 389 -5.98 -24.04 14.44
CA SER A 389 -5.99 -25.48 14.51
C SER A 389 -6.36 -26.10 13.16
N GLU A 390 -5.52 -25.73 12.20
CA GLU A 390 -5.71 -25.89 10.78
C GLU A 390 -4.81 -26.95 10.28
N ASP A 391 -5.24 -28.00 9.57
CA ASP A 391 -4.27 -28.61 8.65
C ASP A 391 -4.14 -27.60 7.49
N VAL A 392 -5.23 -27.43 6.78
CA VAL A 392 -5.25 -26.50 5.65
C VAL A 392 -6.14 -25.32 6.01
N MET A 393 -5.50 -24.16 6.12
CA MET A 393 -6.26 -22.95 6.39
C MET A 393 -6.81 -22.39 5.11
N ARG A 394 -8.13 -22.30 5.01
CA ARG A 394 -8.79 -21.47 3.98
C ARG A 394 -8.83 -20.01 4.46
N ILE A 395 -8.25 -19.11 3.70
CA ILE A 395 -8.29 -17.72 4.05
C ILE A 395 -8.54 -16.82 2.85
N THR A 396 -9.24 -15.69 3.06
CA THR A 396 -9.46 -14.68 2.01
C THR A 396 -8.63 -13.41 2.33
N VAL A 397 -7.98 -12.90 1.29
CA VAL A 397 -7.13 -11.74 1.36
C VAL A 397 -7.80 -10.69 0.48
N GLY A 398 -8.17 -9.53 1.08
CA GLY A 398 -8.53 -8.35 0.24
C GLY A 398 -7.31 -7.57 -0.21
N VAL A 399 -7.24 -7.30 -1.51
CA VAL A 399 -6.12 -6.58 -2.10
C VAL A 399 -6.60 -5.38 -2.93
N ASP A 400 -5.85 -4.28 -2.89
CA ASP A 400 -6.13 -3.05 -3.65
C ASP A 400 -4.74 -2.50 -4.01
N GLY A 401 -4.70 -1.41 -4.77
CA GLY A 401 -3.46 -0.84 -5.29
C GLY A 401 -3.22 -1.00 -6.79
N SER A 402 -2.61 0.05 -7.35
CA SER A 402 -2.43 0.21 -8.81
C SER A 402 -1.39 -0.77 -9.42
N VAL A 403 -0.39 -1.16 -8.66
CA VAL A 403 0.57 -2.17 -9.09
C VAL A 403 -0.08 -3.55 -9.24
N TYR A 404 -0.78 -3.97 -8.18
CA TYR A 404 -1.42 -5.28 -8.17
C TYR A 404 -2.53 -5.38 -9.20
N LYS A 405 -3.33 -4.33 -9.34
CA LYS A 405 -4.49 -4.34 -10.26
C LYS A 405 -4.07 -4.23 -11.71
N LEU A 406 -3.25 -3.24 -12.01
CA LEU A 406 -2.96 -2.81 -13.36
C LEU A 406 -1.70 -3.42 -13.93
N HIS A 407 -0.84 -3.94 -13.08
CA HIS A 407 0.43 -4.42 -13.60
C HIS A 407 0.28 -5.81 -14.23
N PRO A 408 0.47 -5.87 -15.59
CA PRO A 408 -0.07 -6.94 -16.44
C PRO A 408 0.08 -8.33 -15.85
N SER A 409 1.28 -8.62 -15.33
CA SER A 409 1.55 -9.95 -14.80
C SER A 409 2.12 -9.96 -13.39
N PHE A 410 2.26 -8.77 -12.77
CA PHE A 410 2.75 -8.74 -11.40
C PHE A 410 1.90 -9.68 -10.57
N LYS A 411 0.60 -9.57 -10.74
CA LYS A 411 -0.37 -10.29 -9.93
C LYS A 411 -0.26 -11.80 -10.06
N GLU A 412 -0.03 -12.30 -11.28
CA GLU A 412 0.07 -13.74 -11.56
C GLU A 412 1.36 -14.30 -10.95
N ARG A 413 2.45 -13.57 -11.15
CA ARG A 413 3.74 -13.93 -10.54
C ARG A 413 3.64 -13.96 -8.99
N PHE A 414 2.97 -12.95 -8.43
CA PHE A 414 2.74 -12.83 -6.98
C PHE A 414 1.91 -14.01 -6.45
N HIS A 415 0.82 -14.29 -7.14
CA HIS A 415 -0.04 -15.41 -6.76
C HIS A 415 0.71 -16.70 -6.67
N ALA A 416 1.49 -17.02 -7.71
CA ALA A 416 2.17 -18.32 -7.79
C ALA A 416 3.26 -18.43 -6.77
N SER A 417 3.98 -17.32 -6.56
CA SER A 417 5.04 -17.29 -5.52
C SER A 417 4.43 -17.46 -4.12
N VAL A 418 3.30 -16.79 -3.90
CA VAL A 418 2.64 -16.86 -2.63
C VAL A 418 2.25 -18.29 -2.36
N ARG A 419 1.73 -18.96 -3.39
CA ARG A 419 1.18 -20.30 -3.19
C ARG A 419 2.25 -21.35 -2.90
N ARG A 420 3.43 -21.18 -3.50
CA ARG A 420 4.53 -22.10 -3.24
C ARG A 420 5.07 -22.00 -1.82
N LEU A 421 4.85 -20.86 -1.18
CA LEU A 421 5.33 -20.60 0.16
C LEU A 421 4.28 -20.89 1.20
N THR A 422 3.07 -21.15 0.75
CA THR A 422 1.97 -21.43 1.69
C THR A 422 1.30 -22.75 1.29
N PRO A 423 2.12 -23.86 1.27
CA PRO A 423 1.65 -25.12 0.75
C PRO A 423 0.50 -25.72 1.58
N SER A 424 0.25 -25.22 2.80
CA SER A 424 -0.91 -25.73 3.61
C SER A 424 -2.05 -24.73 3.80
N CYS A 425 -2.13 -23.73 2.91
CA CYS A 425 -3.29 -22.85 2.88
C CYS A 425 -3.85 -22.81 1.49
N GLU A 426 -5.16 -22.57 1.39
CA GLU A 426 -5.83 -22.27 0.14
C GLU A 426 -6.38 -20.87 0.29
N ILE A 427 -5.87 -20.02 -0.58
CA ILE A 427 -6.08 -18.60 -0.45
C ILE A 427 -6.88 -18.10 -1.60
N THR A 428 -7.81 -17.22 -1.25
CA THR A 428 -8.64 -16.52 -2.18
C THR A 428 -8.38 -15.03 -2.06
N PHE A 429 -8.02 -14.47 -3.22
CA PHE A 429 -7.75 -13.05 -3.36
C PHE A 429 -9.01 -12.36 -3.83
N ILE A 430 -9.43 -11.32 -3.11
CA ILE A 430 -10.54 -10.46 -3.54
C ILE A 430 -9.94 -9.11 -3.83
N GLU A 431 -10.11 -8.70 -5.08
CA GLU A 431 -9.53 -7.50 -5.60
C GLU A 431 -10.54 -6.41 -5.37
N SER A 432 -10.22 -5.46 -4.53
CA SER A 432 -11.16 -4.40 -4.12
C SER A 432 -11.54 -3.50 -5.28
N GLU A 433 -12.81 -3.33 -5.58
CA GLU A 433 -13.15 -2.29 -6.54
C GLU A 433 -12.87 -0.86 -6.03
N GLU A 434 -13.28 -0.59 -4.79
CA GLU A 434 -13.07 0.68 -4.13
C GLU A 434 -13.01 0.50 -2.63
N GLY A 435 -12.43 -0.60 -2.19
CA GLY A 435 -12.46 -0.98 -0.80
C GLY A 435 -11.82 -0.03 0.19
N SER A 436 -10.72 0.60 -0.20
CA SER A 436 -9.95 1.52 0.67
C SER A 436 -10.83 2.66 1.16
N GLY A 437 -11.77 3.07 0.32
CA GLY A 437 -12.77 4.05 0.65
C GLY A 437 -14.03 3.42 1.24
N ARG A 438 -14.51 2.31 0.66
CA ARG A 438 -15.79 1.74 1.16
C ARG A 438 -15.61 1.23 2.60
N GLY A 439 -14.49 0.60 2.90
CA GLY A 439 -14.27 0.03 4.23
C GLY A 439 -14.30 1.04 5.39
N ALA A 440 -13.94 2.30 5.11
CA ALA A 440 -13.95 3.36 6.09
C ALA A 440 -15.38 3.74 6.46
N ALA A 441 -16.29 3.67 5.49
CA ALA A 441 -17.71 3.87 5.74
C ALA A 441 -18.27 2.73 6.53
N LEU A 442 -17.98 1.52 6.09
CA LEU A 442 -18.48 0.34 6.84
C LEU A 442 -17.96 0.25 8.30
N VAL A 443 -16.67 0.56 8.54
CA VAL A 443 -16.19 0.63 9.94
C VAL A 443 -16.95 1.70 10.68
N SER A 444 -17.22 2.84 10.03
CA SER A 444 -17.91 3.91 10.73
C SER A 444 -19.30 3.43 11.11
N ALA A 445 -19.95 2.74 10.17
CA ALA A 445 -21.30 2.26 10.47
C ALA A 445 -21.33 1.29 11.67
N VAL A 446 -20.31 0.47 11.82
CA VAL A 446 -20.16 -0.46 12.94
C VAL A 446 -19.82 0.38 14.21
N ALA A 447 -18.90 1.32 14.11
CA ALA A 447 -18.65 2.18 15.28
C ALA A 447 -19.92 2.90 15.82
N CYS A 448 -20.80 3.30 14.93
CA CYS A 448 -21.98 4.05 15.28
C CYS A 448 -22.99 3.19 16.01
N LYS A 449 -22.94 1.91 15.75
CA LYS A 449 -23.83 0.93 16.33
C LYS A 449 -23.58 0.90 17.83
N LYS A 450 -22.44 1.41 18.25
CA LYS A 450 -22.12 1.64 19.65
C LYS A 450 -21.84 3.09 20.01
#